data_8F60
#
_entry.id   8F60
#
_cell.length_a   156.464
_cell.length_b   79.661
_cell.length_c   74.692
_cell.angle_alpha   90.00
_cell.angle_beta   102.85
_cell.angle_gamma   90.00
#
_symmetry.space_group_name_H-M   'C 1 2 1'
#
loop_
_entity.id
_entity.type
_entity.pdbx_description
1 polymer 'r23C8 Fab heavy chain'
2 polymer 'r23C8 Fab light chain'
3 polymer 'B- and T-lymphocyte attenuator'
4 branched alpha-D-mannopyranose-(1-6)-beta-D-mannopyranose-(1-4)-2-acetamido-2-deoxy-beta-D-glucopyranose-(1-4)-2-acetamido-2-deoxy-beta-D-glucopyranose
5 non-polymer 'ACETATE ION'
6 water water
#
loop_
_entity_poly.entity_id
_entity_poly.type
_entity_poly.pdbx_seq_one_letter_code
_entity_poly.pdbx_strand_id
1 'polypeptide(L)'
;(PCA)SVEESGGRLVTPGTPLTLTCTASGFDISKYNIQWVRQSPGKGLEYIGFINYGGSAYYASRAKGRFTISKTSTTVD
LKIASPTTGDTATYFCARGLSNSDLWGPGTLVTVSLGQPKAPSVFPLAPCCGDTPSSTVTLGCLVKGYLPEPVTVTWNSG
TLTNGVRTFPSVRQSSGLYSLSSVVSVTSSSQPVTCNVAHPATNTKVDKTVAPSTCSHHHHHHHH
;
A
2 'polypeptide(L)'
;AIDMTQTPSSVSEPVGGTVTIKCQASQSISSWLSWYQQKPGQPPKLLIYRASTLASGIPSRFKGSGSGTEYTLTISDLEC
ADAATYYCQCTYGGVVGSTSDDNPFGGGTEVVVKGDPVAPTVLIFPPAADQVATGTVTIVCVANKYFPDVTVTWEVDGTT
QTTGIENSKTPQNSADCTYNLSSTLTLTSTQYNSHKEYTCKVTQGTTSVVQSFNRGDC
;
B
3 'polypeptide(L)'
;KESCDVQLYIKRQSEHHILAGDPFELECPVKYCANRPHVTWCKLNGTTCVKLEDRQTSWKEEKNISFFILHFEPVLPNDN
GSYRCSANFQSNLIESHSTTLYVTDVKSASERPSKDEMASEFIDGR
;
C
#
# COMPACT_ATOMS: atom_id res chain seq x y z
N SER A 2 -2.00 14.14 7.60
CA SER A 2 -1.78 12.71 7.61
C SER A 2 -2.66 12.04 8.66
N VAL A 3 -2.82 10.73 8.52
CA VAL A 3 -3.56 9.91 9.48
C VAL A 3 -2.62 8.88 10.11
N GLU A 4 -2.72 8.75 11.43
CA GLU A 4 -1.89 7.81 12.22
C GLU A 4 -2.78 6.79 12.90
N GLU A 5 -2.24 5.60 13.17
CA GLU A 5 -3.00 4.58 13.86
C GLU A 5 -2.16 3.93 14.92
N SER A 6 -2.85 3.39 15.91
CA SER A 6 -2.17 2.64 16.95
C SER A 6 -3.10 1.59 17.52
N GLY A 7 -2.51 0.67 18.28
CA GLY A 7 -3.31 -0.28 19.04
C GLY A 7 -3.16 -1.73 18.61
N GLY A 8 -2.59 -1.96 17.43
CA GLY A 8 -2.37 -3.32 16.93
C GLY A 8 -1.42 -4.06 17.84
N ARG A 9 -1.78 -5.28 18.22
CA ARG A 9 -1.00 -6.09 19.17
C ARG A 9 -1.51 -7.53 19.16
N LEU A 10 -0.79 -8.41 19.85
CA LEU A 10 -1.20 -9.79 20.01
C LEU A 10 -2.22 -9.90 21.14
N VAL A 11 -3.39 -10.49 20.87
CA VAL A 11 -4.37 -10.81 21.93
C VAL A 11 -4.89 -12.23 21.78
N THR A 12 -5.29 -12.85 22.90
CA THR A 12 -5.96 -14.14 22.84
C THR A 12 -7.41 -13.98 22.33
N PRO A 13 -7.95 -15.01 21.65
CA PRO A 13 -9.33 -14.94 21.23
C PRO A 13 -10.27 -14.52 22.37
N GLY A 14 -11.24 -13.66 22.05
CA GLY A 14 -12.21 -13.20 23.03
C GLY A 14 -11.80 -12.02 23.89
N THR A 15 -10.55 -11.58 23.79
CA THR A 15 -10.07 -10.41 24.54
C THR A 15 -10.41 -9.11 23.80
N PRO A 16 -11.18 -8.21 24.44
CA PRO A 16 -11.56 -6.98 23.71
C PRO A 16 -10.35 -6.14 23.32
N LEU A 17 -10.42 -5.48 22.16
CA LEU A 17 -9.29 -4.74 21.65
C LEU A 17 -9.78 -3.44 21.03
N THR A 18 -9.09 -2.35 21.31
CA THR A 18 -9.41 -1.05 20.71
C THR A 18 -8.26 -0.53 19.86
N LEU A 19 -8.57 -0.13 18.62
CA LEU A 19 -7.60 0.52 17.75
C LEU A 19 -7.97 1.99 17.65
N THR A 20 -6.96 2.85 17.46
CA THR A 20 -7.18 4.29 17.46
C THR A 20 -6.64 4.92 16.18
N CYS A 21 -7.39 5.87 15.63
CA CYS A 21 -7.04 6.62 14.43
C CYS A 21 -6.95 8.07 14.85
N THR A 22 -5.80 8.71 14.57
CA THR A 22 -5.64 10.15 14.89
C THR A 22 -5.13 10.87 13.66
N ALA A 23 -5.16 12.19 13.69
CA ALA A 23 -4.76 12.98 12.54
C ALA A 23 -3.77 14.06 12.91
N SER A 24 -2.90 14.35 11.96
CA SER A 24 -2.04 15.52 12.00
C SER A 24 -2.46 16.50 10.88
N GLY A 25 -2.74 17.75 11.24
CA GLY A 25 -2.99 18.77 10.22
C GLY A 25 -4.41 18.91 9.73
N PHE A 26 -5.31 18.13 10.33
CA PHE A 26 -6.75 18.30 10.12
C PHE A 26 -7.49 17.78 11.35
N ASP A 27 -8.76 18.17 11.47
CA ASP A 27 -9.60 17.79 12.59
C ASP A 27 -10.34 16.50 12.22
N ILE A 28 -9.88 15.39 12.77
CA ILE A 28 -10.44 14.08 12.39
C ILE A 28 -11.92 13.94 12.74
N SER A 29 -12.39 14.71 13.72
CA SER A 29 -13.76 14.54 14.21
C SER A 29 -14.82 15.10 13.25
N LYS A 30 -14.42 15.90 12.27
CA LYS A 30 -15.44 16.55 11.45
C LYS A 30 -15.52 16.06 10.00
N TYR A 31 -14.87 14.93 9.71
CA TYR A 31 -14.99 14.26 8.38
C TYR A 31 -15.61 12.89 8.51
N ASN A 32 -16.13 12.35 7.40
CA ASN A 32 -16.42 10.92 7.34
C ASN A 32 -15.10 10.18 7.42
N ILE A 33 -15.08 9.10 8.23
CA ILE A 33 -13.88 8.28 8.42
C ILE A 33 -14.25 6.80 8.26
N GLN A 34 -13.52 6.09 7.39
CA GLN A 34 -13.82 4.64 7.19
C GLN A 34 -12.71 3.73 7.73
N TRP A 35 -13.10 2.49 8.07
CA TRP A 35 -12.17 1.44 8.52
C TRP A 35 -12.24 0.26 7.54
N VAL A 36 -11.06 -0.23 7.17
CA VAL A 36 -10.89 -1.29 6.17
C VAL A 36 -9.81 -2.21 6.72
N ARG A 37 -9.99 -3.52 6.58
CA ARG A 37 -8.94 -4.43 7.03
C ARG A 37 -8.43 -5.34 5.92
N GLN A 38 -7.32 -6.01 6.17
CA GLN A 38 -6.71 -6.86 5.17
C GLN A 38 -5.99 -8.01 5.89
N SER A 39 -6.50 -9.22 5.70
CA SER A 39 -5.83 -10.43 6.22
C SER A 39 -4.54 -10.64 5.42
N PRO A 40 -3.50 -11.22 6.06
CA PRO A 40 -2.25 -11.36 5.33
C PRO A 40 -2.43 -12.09 3.98
N GLY A 41 -1.94 -11.48 2.91
CA GLY A 41 -2.02 -12.05 1.56
C GLY A 41 -3.39 -12.03 0.90
N LYS A 42 -4.37 -11.38 1.53
CA LYS A 42 -5.74 -11.35 1.01
C LYS A 42 -6.12 -9.92 0.60
N GLY A 43 -7.37 -9.75 0.17
CA GLY A 43 -7.83 -8.44 -0.34
C GLY A 43 -8.28 -7.48 0.76
N LEU A 44 -8.62 -6.27 0.37
CA LEU A 44 -9.20 -5.29 1.30
C LEU A 44 -10.65 -5.64 1.63
N GLU A 45 -11.03 -5.48 2.90
CA GLU A 45 -12.40 -5.74 3.31
C GLU A 45 -12.91 -4.53 4.10
N TYR A 46 -13.95 -3.89 3.58
CA TYR A 46 -14.60 -2.78 4.27
C TYR A 46 -15.29 -3.23 5.55
N ILE A 47 -15.06 -2.50 6.65
CA ILE A 47 -15.71 -2.81 7.93
C ILE A 47 -16.90 -1.88 8.20
N GLY A 48 -16.67 -0.57 8.11
CA GLY A 48 -17.71 0.39 8.42
C GLY A 48 -17.15 1.80 8.35
N PHE A 49 -18.01 2.79 8.62
CA PHE A 49 -17.56 4.18 8.68
C PHE A 49 -18.34 4.93 9.73
N ILE A 50 -17.77 6.04 10.18
CA ILE A 50 -18.48 6.96 11.04
C ILE A 50 -18.63 8.28 10.28
N ASN A 51 -19.85 8.81 10.22
CA ASN A 51 -20.08 10.03 9.46
C ASN A 51 -19.60 11.28 10.16
N TYR A 52 -19.67 12.40 9.47
CA TYR A 52 -19.07 13.64 10.00
C TYR A 52 -19.75 14.17 11.26
N GLY A 53 -20.97 13.72 11.52
CA GLY A 53 -21.69 14.08 12.73
C GLY A 53 -21.57 13.09 13.87
N GLY A 54 -20.90 11.97 13.61
CA GLY A 54 -20.66 10.97 14.66
C GLY A 54 -21.59 9.76 14.73
N SER A 55 -22.33 9.48 13.66
CA SER A 55 -23.13 8.24 13.56
C SER A 55 -22.41 7.20 12.69
N ALA A 56 -22.32 5.97 13.21
CA ALA A 56 -21.59 4.86 12.57
C ALA A 56 -22.48 3.85 11.85
N TYR A 57 -21.96 3.28 10.76
CA TYR A 57 -22.66 2.31 9.91
C TYR A 57 -21.68 1.21 9.54
N TYR A 58 -22.19 0.00 9.31
CA TYR A 58 -21.35 -1.19 9.21
C TYR A 58 -21.79 -2.10 8.08
N ALA A 59 -20.83 -2.79 7.46
CA ALA A 59 -21.13 -3.96 6.65
C ALA A 59 -21.88 -4.99 7.52
N SER A 60 -22.85 -5.73 6.96
CA SER A 60 -23.64 -6.66 7.78
C SER A 60 -22.80 -7.66 8.58
N ARG A 61 -21.73 -8.18 7.99
CA ARG A 61 -20.84 -9.13 8.67
C ARG A 61 -20.07 -8.50 9.87
N ALA A 62 -19.95 -7.18 9.85
CA ALA A 62 -19.24 -6.44 10.92
C ALA A 62 -20.17 -5.98 12.04
N LYS A 63 -21.45 -5.81 11.73
CA LYS A 63 -22.41 -5.29 12.71
C LYS A 63 -22.51 -6.23 13.91
N GLY A 64 -22.40 -5.66 15.11
CA GLY A 64 -22.37 -6.43 16.34
C GLY A 64 -20.98 -6.87 16.77
N ARG A 65 -20.07 -7.03 15.81
CA ARG A 65 -18.70 -7.48 16.09
C ARG A 65 -17.73 -6.32 16.30
N PHE A 66 -18.01 -5.19 15.63
CA PHE A 66 -17.15 -3.99 15.69
C PHE A 66 -17.98 -2.78 16.08
N THR A 67 -17.37 -1.86 16.82
CA THR A 67 -17.97 -0.56 17.10
C THR A 67 -17.01 0.54 16.70
N ILE A 68 -17.49 1.50 15.91
CA ILE A 68 -16.70 2.69 15.57
C ILE A 68 -17.26 3.88 16.34
N SER A 69 -16.38 4.63 17.00
CA SER A 69 -16.81 5.77 17.80
C SER A 69 -15.81 6.89 17.63
N LYS A 70 -16.20 8.11 17.99
CA LYS A 70 -15.23 9.19 17.98
CA LYS A 70 -15.25 9.23 17.93
C LYS A 70 -15.31 10.15 19.16
N THR A 71 -14.19 10.83 19.39
CA THR A 71 -14.11 11.91 20.35
C THR A 71 -13.74 13.15 19.54
N SER A 72 -13.34 14.23 20.20
CA SER A 72 -12.91 15.43 19.47
C SER A 72 -11.53 15.23 18.80
N THR A 73 -10.79 14.19 19.19
CA THR A 73 -9.43 13.99 18.64
C THR A 73 -9.12 12.60 18.09
N THR A 74 -10.04 11.65 18.22
CA THR A 74 -9.74 10.26 17.82
C THR A 74 -10.95 9.62 17.18
N VAL A 75 -10.71 8.63 16.35
CA VAL A 75 -11.75 7.72 15.92
C VAL A 75 -11.28 6.34 16.33
N ASP A 76 -12.14 5.59 17.02
CA ASP A 76 -11.75 4.30 17.60
C ASP A 76 -12.49 3.16 16.91
N LEU A 77 -11.82 2.02 16.80
CA LEU A 77 -12.48 0.79 16.36
C LEU A 77 -12.31 -0.23 17.46
N LYS A 78 -13.43 -0.69 18.00
CA LYS A 78 -13.40 -1.68 19.06
CA LYS A 78 -13.41 -1.68 19.06
C LYS A 78 -13.87 -3.03 18.56
N ILE A 79 -13.06 -4.05 18.82
CA ILE A 79 -13.40 -5.43 18.45
C ILE A 79 -13.81 -6.12 19.74
N ALA A 80 -15.10 -6.43 19.83
CA ALA A 80 -15.73 -6.91 21.06
C ALA A 80 -15.19 -8.26 21.53
N SER A 81 -15.13 -9.21 20.61
CA SER A 81 -14.72 -10.58 20.93
C SER A 81 -13.94 -11.17 19.76
N PRO A 82 -12.65 -10.82 19.65
CA PRO A 82 -11.85 -11.20 18.49
C PRO A 82 -11.73 -12.71 18.32
N THR A 83 -11.71 -13.14 17.07
CA THR A 83 -11.44 -14.54 16.74
C THR A 83 -10.15 -14.58 15.95
N THR A 84 -9.58 -15.77 15.75
CA THR A 84 -8.34 -15.88 14.97
C THR A 84 -8.51 -15.29 13.57
N GLY A 85 -9.71 -15.39 13.01
CA GLY A 85 -10.02 -14.80 11.70
C GLY A 85 -9.91 -13.27 11.61
N ASP A 86 -9.86 -12.60 12.76
CA ASP A 86 -9.72 -11.13 12.81
C ASP A 86 -8.26 -10.69 12.74
N THR A 87 -7.33 -11.66 12.66
CA THR A 87 -5.93 -11.36 12.42
C THR A 87 -5.80 -10.65 11.07
N ALA A 88 -5.31 -9.42 11.12
CA ALA A 88 -5.28 -8.56 9.92
C ALA A 88 -4.60 -7.23 10.20
N THR A 89 -4.25 -6.52 9.14
CA THR A 89 -3.85 -5.12 9.26
C THR A 89 -5.12 -4.28 9.09
N TYR A 90 -5.30 -3.33 9.99
CA TYR A 90 -6.49 -2.46 10.00
C TYR A 90 -6.08 -1.07 9.59
N PHE A 91 -6.79 -0.52 8.59
CA PHE A 91 -6.55 0.81 8.06
C PHE A 91 -7.72 1.74 8.38
N CYS A 92 -7.39 2.99 8.67
CA CYS A 92 -8.42 4.04 8.71
CA CYS A 92 -8.36 4.07 8.79
C CYS A 92 -8.10 5.07 7.65
N ALA A 93 -9.15 5.76 7.18
CA ALA A 93 -8.98 6.71 6.07
C ALA A 93 -9.94 7.88 6.20
N ARG A 94 -9.47 9.06 5.79
CA ARG A 94 -10.32 10.23 5.71
C ARG A 94 -11.15 10.21 4.43
N GLY A 95 -12.45 10.39 4.59
CA GLY A 95 -13.38 10.45 3.46
C GLY A 95 -13.90 9.07 3.08
N LEU A 96 -15.09 9.03 2.49
CA LEU A 96 -15.67 7.78 1.98
C LEU A 96 -15.80 7.79 0.45
N SER A 97 -16.57 8.74 -0.10
CA SER A 97 -16.70 8.86 -1.58
C SER A 97 -15.42 9.43 -2.22
N ASN A 98 -14.65 10.19 -1.43
CA ASN A 98 -13.35 10.69 -1.82
C ASN A 98 -12.43 10.36 -0.63
N SER A 99 -11.95 9.11 -0.58
CA SER A 99 -11.17 8.62 0.57
C SER A 99 -9.68 8.81 0.31
N ASP A 100 -9.18 10.00 0.68
CA ASP A 100 -7.90 10.48 0.13
C ASP A 100 -6.66 10.22 1.00
N LEU A 101 -6.84 10.24 2.31
CA LEU A 101 -5.71 10.09 3.25
C LEU A 101 -5.88 8.81 4.06
N TRP A 102 -4.86 7.96 3.99
CA TRP A 102 -4.91 6.64 4.63
C TRP A 102 -3.82 6.53 5.68
N GLY A 103 -4.17 5.89 6.80
CA GLY A 103 -3.14 5.50 7.78
C GLY A 103 -2.23 4.41 7.26
N PRO A 104 -1.09 4.18 7.94
CA PRO A 104 -0.13 3.16 7.52
C PRO A 104 -0.58 1.72 7.84
N GLY A 105 -1.65 1.59 8.62
CA GLY A 105 -2.16 0.30 9.05
C GLY A 105 -1.56 -0.08 10.40
N THR A 106 -2.36 -0.75 11.20
CA THR A 106 -1.89 -1.33 12.47
C THR A 106 -2.24 -2.81 12.50
N LEU A 107 -1.28 -3.63 12.95
CA LEU A 107 -1.36 -5.07 12.76
C LEU A 107 -1.92 -5.75 14.01
N VAL A 108 -3.07 -6.40 13.86
CA VAL A 108 -3.70 -7.15 14.93
C VAL A 108 -3.43 -8.65 14.75
N THR A 109 -2.98 -9.32 15.82
CA THR A 109 -2.77 -10.76 15.79
C THR A 109 -3.64 -11.38 16.88
N VAL A 110 -4.53 -12.29 16.48
CA VAL A 110 -5.39 -12.97 17.43
C VAL A 110 -4.99 -14.44 17.44
N SER A 111 -4.38 -14.86 18.54
CA SER A 111 -3.79 -16.19 18.62
C SER A 111 -3.67 -16.59 20.08
N LEU A 112 -3.68 -17.90 20.33
CA LEU A 112 -3.29 -18.38 21.64
C LEU A 112 -1.76 -18.30 21.69
N GLY A 113 -1.21 -18.35 22.89
CA GLY A 113 0.24 -18.46 23.03
C GLY A 113 0.93 -17.14 23.27
N GLN A 114 2.16 -17.23 23.77
CA GLN A 114 2.91 -16.05 24.13
C GLN A 114 3.84 -15.65 22.99
N PRO A 115 4.21 -14.36 22.94
CA PRO A 115 5.16 -13.92 21.92
C PRO A 115 6.53 -14.61 22.02
N LYS A 116 7.29 -14.57 20.93
CA LYS A 116 8.64 -15.15 20.85
C LYS A 116 9.57 -14.14 20.18
N ALA A 117 10.69 -13.83 20.83
CA ALA A 117 11.66 -12.88 20.28
C ALA A 117 12.44 -13.51 19.13
N PRO A 118 12.88 -12.69 18.16
CA PRO A 118 13.67 -13.26 17.07
C PRO A 118 15.08 -13.62 17.48
N SER A 119 15.68 -14.55 16.73
CA SER A 119 17.11 -14.81 16.80
C SER A 119 17.70 -14.21 15.53
N VAL A 120 18.75 -13.43 15.68
CA VAL A 120 19.34 -12.68 14.55
C VAL A 120 20.73 -13.22 14.25
N PHE A 121 21.00 -13.49 12.97
CA PHE A 121 22.29 -14.08 12.56
C PHE A 121 22.86 -13.31 11.37
N PRO A 122 24.19 -13.10 11.35
CA PRO A 122 24.80 -12.43 10.20
C PRO A 122 24.87 -13.34 8.97
N LEU A 123 24.73 -12.73 7.80
CA LEU A 123 24.85 -13.43 6.53
C LEU A 123 26.07 -12.90 5.79
N ALA A 124 27.04 -13.78 5.55
CA ALA A 124 28.22 -13.42 4.77
C ALA A 124 28.61 -14.54 3.81
N PRO A 125 29.18 -14.18 2.65
CA PRO A 125 29.58 -15.22 1.70
C PRO A 125 30.67 -16.13 2.27
N CYS A 126 30.72 -17.35 1.75
CA CYS A 126 31.71 -18.34 2.19
C CYS A 126 33.12 -17.73 2.24
N CYS A 127 33.80 -17.91 3.37
CA CYS A 127 35.14 -17.33 3.59
C CYS A 127 36.17 -17.78 2.57
N GLY A 128 36.00 -18.98 2.01
CA GLY A 128 36.90 -19.52 0.99
C GLY A 128 36.69 -18.97 -0.41
N ASP A 129 35.80 -17.99 -0.55
CA ASP A 129 35.52 -17.36 -1.84
C ASP A 129 36.48 -16.21 -2.15
N THR A 130 36.83 -16.06 -3.43
CA THR A 130 37.65 -14.94 -3.91
C THR A 130 36.97 -13.60 -3.60
N PRO A 131 37.68 -12.69 -2.90
CA PRO A 131 37.13 -11.35 -2.64
C PRO A 131 36.96 -10.52 -3.91
N SER A 132 35.90 -9.72 -3.92
CA SER A 132 35.60 -8.78 -4.99
C SER A 132 35.78 -7.36 -4.44
N SER A 133 35.59 -6.35 -5.28
CA SER A 133 35.59 -4.95 -4.82
C SER A 133 34.28 -4.61 -4.09
N THR A 134 33.26 -5.45 -4.28
CA THR A 134 31.97 -5.26 -3.64
C THR A 134 31.54 -6.56 -2.95
N VAL A 135 30.64 -6.46 -1.97
CA VAL A 135 30.18 -7.65 -1.24
C VAL A 135 28.73 -7.46 -0.81
N THR A 136 27.97 -8.56 -0.78
CA THR A 136 26.60 -8.52 -0.26
C THR A 136 26.59 -9.21 1.10
N LEU A 137 26.09 -8.48 2.10
CA LEU A 137 26.02 -8.99 3.47
C LEU A 137 24.56 -8.90 3.93
N GLY A 138 24.23 -9.58 5.02
CA GLY A 138 22.84 -9.57 5.45
C GLY A 138 22.62 -9.97 6.88
N CYS A 139 21.36 -9.97 7.28
CA CYS A 139 20.95 -10.47 8.58
C CYS A 139 19.71 -11.35 8.41
N LEU A 140 19.74 -12.51 9.03
CA LEU A 140 18.58 -13.41 9.10
C LEU A 140 17.87 -13.15 10.43
N VAL A 141 16.56 -12.97 10.38
CA VAL A 141 15.76 -12.65 11.57
C VAL A 141 14.77 -13.81 11.72
N LYS A 142 15.06 -14.72 12.66
CA LYS A 142 14.43 -16.05 12.63
C LYS A 142 13.55 -16.33 13.86
N GLY A 143 12.35 -16.86 13.61
CA GLY A 143 11.55 -17.50 14.66
C GLY A 143 10.88 -16.61 15.68
N TYR A 144 10.23 -15.54 15.19
CA TYR A 144 9.55 -14.59 16.06
C TYR A 144 8.03 -14.64 15.88
N LEU A 145 7.31 -14.17 16.90
CA LEU A 145 5.87 -13.92 16.78
C LEU A 145 5.45 -12.95 17.86
N PRO A 146 4.48 -12.08 17.57
CA PRO A 146 3.81 -11.88 16.28
C PRO A 146 4.64 -10.99 15.36
N GLU A 147 4.12 -10.71 14.16
CA GLU A 147 4.63 -9.60 13.37
C GLU A 147 4.26 -8.29 14.06
N PRO A 148 4.96 -7.17 13.75
CA PRO A 148 6.10 -7.01 12.85
C PRO A 148 7.44 -6.92 13.57
N VAL A 149 8.52 -7.00 12.80
CA VAL A 149 9.83 -6.54 13.25
C VAL A 149 10.19 -5.32 12.43
N THR A 150 11.17 -4.55 12.91
CA THR A 150 11.77 -3.51 12.08
C THR A 150 13.23 -3.84 11.84
N VAL A 151 13.69 -3.61 10.62
CA VAL A 151 15.09 -3.82 10.27
C VAL A 151 15.60 -2.55 9.57
N THR A 152 16.68 -1.99 10.10
CA THR A 152 17.39 -0.90 9.43
C THR A 152 18.87 -1.26 9.36
N TRP A 153 19.61 -0.49 8.57
CA TRP A 153 21.07 -0.64 8.49
C TRP A 153 21.73 0.68 8.87
N ASN A 154 22.79 0.57 9.65
CA ASN A 154 23.51 1.75 10.18
C ASN A 154 22.57 2.85 10.68
N SER A 155 21.60 2.45 11.53
CA SER A 155 20.64 3.35 12.17
C SER A 155 19.76 4.14 11.19
N GLY A 156 19.58 3.60 9.99
CA GLY A 156 18.77 4.24 8.96
C GLY A 156 19.56 5.08 7.96
N THR A 157 20.86 5.22 8.18
CA THR A 157 21.73 6.00 7.27
C THR A 157 22.07 5.25 5.98
N LEU A 158 22.15 3.92 6.07
CA LEU A 158 22.42 3.09 4.90
C LEU A 158 21.12 2.52 4.35
N THR A 159 20.72 3.00 3.17
CA THR A 159 19.45 2.63 2.56
C THR A 159 19.59 2.13 1.11
N ASN A 160 20.70 2.50 0.46
CA ASN A 160 20.91 2.19 -0.96
C ASN A 160 20.99 0.69 -1.30
N GLY A 161 20.00 0.23 -2.06
CA GLY A 161 19.97 -1.15 -2.55
C GLY A 161 19.49 -2.19 -1.55
N VAL A 162 19.27 -1.77 -0.30
CA VAL A 162 18.76 -2.67 0.76
C VAL A 162 17.54 -3.45 0.26
N ARG A 163 17.58 -4.77 0.40
CA ARG A 163 16.45 -5.63 0.10
C ARG A 163 16.05 -6.34 1.39
N THR A 164 14.92 -5.93 1.96
CA THR A 164 14.37 -6.61 3.13
C THR A 164 13.17 -7.37 2.63
N PHE A 165 13.26 -8.70 2.67
CA PHE A 165 12.24 -9.56 2.09
C PHE A 165 10.98 -9.62 2.96
N PRO A 166 9.82 -9.92 2.35
CA PRO A 166 8.60 -10.12 3.14
C PRO A 166 8.79 -11.30 4.10
N SER A 167 8.14 -11.24 5.26
CA SER A 167 8.21 -12.36 6.19
C SER A 167 7.59 -13.63 5.60
N VAL A 168 8.04 -14.78 6.10
CA VAL A 168 7.39 -16.05 5.79
C VAL A 168 6.89 -16.61 7.12
N ARG A 169 5.75 -17.29 7.08
CA ARG A 169 5.13 -17.88 8.27
C ARG A 169 5.18 -19.39 8.23
N GLN A 170 5.78 -19.98 9.26
CA GLN A 170 5.75 -21.44 9.41
C GLN A 170 4.40 -21.88 9.99
N SER A 171 4.08 -23.18 9.82
CA SER A 171 2.83 -23.75 10.34
C SER A 171 2.68 -23.61 11.85
N SER A 172 3.80 -23.56 12.55
CA SER A 172 3.83 -23.26 13.98
C SER A 172 3.32 -21.86 14.35
N GLY A 173 3.24 -20.97 13.36
CA GLY A 173 2.91 -19.59 13.62
C GLY A 173 4.11 -18.67 13.69
N LEU A 174 5.33 -19.22 13.69
CA LEU A 174 6.54 -18.38 13.80
C LEU A 174 6.94 -17.78 12.46
N TYR A 175 7.45 -16.55 12.51
CA TYR A 175 7.86 -15.81 11.30
C TYR A 175 9.36 -15.74 11.17
N SER A 176 9.83 -15.60 9.93
CA SER A 176 11.23 -15.30 9.66
C SER A 176 11.34 -14.35 8.48
N LEU A 177 12.41 -13.56 8.44
CA LEU A 177 12.74 -12.79 7.24
C LEU A 177 14.23 -12.53 7.17
N SER A 178 14.69 -12.06 6.01
CA SER A 178 16.09 -11.66 5.84
CA SER A 178 16.09 -11.66 5.84
C SER A 178 16.18 -10.27 5.21
N SER A 179 17.30 -9.60 5.46
CA SER A 179 17.60 -8.32 4.83
C SER A 179 19.03 -8.40 4.33
N VAL A 180 19.27 -7.95 3.10
CA VAL A 180 20.63 -7.92 2.54
C VAL A 180 20.96 -6.54 1.99
N VAL A 181 22.25 -6.21 2.00
CA VAL A 181 22.74 -4.93 1.50
C VAL A 181 24.07 -5.13 0.79
N SER A 182 24.29 -4.37 -0.28
CA SER A 182 25.53 -4.46 -1.04
C SER A 182 26.39 -3.23 -0.79
N VAL A 183 27.62 -3.46 -0.34
CA VAL A 183 28.57 -2.38 -0.06
C VAL A 183 29.93 -2.65 -0.71
N THR A 184 30.76 -1.60 -0.80
CA THR A 184 32.14 -1.78 -1.24
C THR A 184 32.91 -2.58 -0.18
N SER A 185 33.84 -3.40 -0.63
CA SER A 185 34.64 -4.27 0.24
C SER A 185 35.60 -3.52 1.18
N SER A 186 35.79 -2.22 0.93
CA SER A 186 36.69 -1.41 1.76
C SER A 186 36.01 -0.82 3.00
N SER A 187 34.77 -0.37 2.86
CA SER A 187 34.02 0.24 3.97
C SER A 187 33.49 -0.82 4.93
N PRO A 189 32.59 -1.50 8.45
CA PRO A 189 31.61 -2.58 8.65
C PRO A 189 30.18 -2.05 8.73
N VAL A 190 29.22 -2.90 8.39
CA VAL A 190 27.80 -2.55 8.41
C VAL A 190 27.06 -3.24 9.55
N THR A 191 26.00 -2.60 10.02
CA THR A 191 25.25 -3.08 11.18
C THR A 191 23.76 -3.11 10.91
N CYS A 192 23.15 -4.28 11.09
CA CYS A 192 21.71 -4.35 11.02
C CYS A 192 21.11 -4.09 12.40
N ASN A 193 20.07 -3.28 12.43
CA ASN A 193 19.34 -2.95 13.65
C ASN A 193 17.96 -3.60 13.57
N VAL A 194 17.76 -4.61 14.40
CA VAL A 194 16.49 -5.36 14.42
C VAL A 194 15.78 -5.04 15.72
N ALA A 195 14.48 -4.81 15.63
CA ALA A 195 13.66 -4.59 16.83
C ALA A 195 12.36 -5.35 16.73
N HIS A 196 11.91 -5.88 17.87
CA HIS A 196 10.67 -6.61 17.93
C HIS A 196 9.88 -6.03 19.10
N PRO A 197 9.07 -4.99 18.84
CA PRO A 197 8.33 -4.33 19.94
C PRO A 197 7.49 -5.26 20.81
N ALA A 198 6.90 -6.30 20.22
CA ALA A 198 6.06 -7.24 20.96
C ALA A 198 6.77 -7.97 22.11
N THR A 199 8.09 -8.12 22.02
CA THR A 199 8.86 -8.77 23.10
C THR A 199 9.82 -7.79 23.78
N ASN A 200 9.67 -6.51 23.43
CA ASN A 200 10.53 -5.44 23.93
CA ASN A 200 10.54 -5.44 23.92
C ASN A 200 12.02 -5.78 23.73
N THR A 201 12.35 -6.29 22.54
CA THR A 201 13.74 -6.66 22.23
C THR A 201 14.32 -5.86 21.06
N LYS A 202 15.62 -5.68 21.10
CA LYS A 202 16.34 -5.16 19.94
C LYS A 202 17.72 -5.81 19.86
N VAL A 203 18.21 -5.95 18.63
CA VAL A 203 19.52 -6.56 18.37
C VAL A 203 20.22 -5.69 17.35
N ASP A 204 21.48 -5.36 17.63
CA ASP A 204 22.36 -4.75 16.64
C ASP A 204 23.43 -5.78 16.28
N LYS A 205 23.51 -6.12 14.99
CA LYS A 205 24.47 -7.11 14.56
C LYS A 205 25.43 -6.51 13.53
N THR A 206 26.71 -6.51 13.86
CA THR A 206 27.73 -6.01 12.96
C THR A 206 28.20 -7.17 12.08
N VAL A 207 28.12 -6.96 10.77
CA VAL A 207 28.39 -8.01 9.80
C VAL A 207 29.65 -7.67 9.02
N ALA A 208 30.62 -8.58 9.05
CA ALA A 208 31.88 -8.40 8.33
C ALA A 208 32.06 -9.53 7.31
N PRO A 209 32.63 -9.21 6.13
CA PRO A 209 32.92 -10.25 5.14
C PRO A 209 33.80 -11.37 5.72
N SER A 210 33.38 -12.61 5.52
CA SER A 210 34.10 -13.77 6.04
C SER A 210 35.26 -14.15 5.11
N ILE B 2 -25.02 -5.01 -2.07
CA ILE B 2 -24.43 -4.93 -3.44
C ILE B 2 -23.16 -5.77 -3.45
N ASP B 3 -22.99 -6.60 -4.48
CA ASP B 3 -21.70 -7.28 -4.63
C ASP B 3 -20.93 -6.72 -5.81
N MET B 4 -19.60 -6.71 -5.68
CA MET B 4 -18.72 -6.15 -6.69
C MET B 4 -17.92 -7.29 -7.31
N THR B 5 -17.97 -7.39 -8.64
CA THR B 5 -17.24 -8.43 -9.37
C THR B 5 -16.11 -7.82 -10.17
N GLN B 6 -14.89 -7.99 -9.66
CA GLN B 6 -13.70 -7.41 -10.26
C GLN B 6 -12.95 -8.44 -11.09
N THR B 7 -12.68 -8.09 -12.34
CA THR B 7 -11.96 -8.97 -13.27
C THR B 7 -10.96 -8.15 -14.12
N PRO B 8 -9.86 -8.78 -14.56
CA PRO B 8 -9.44 -10.13 -14.19
C PRO B 8 -8.80 -10.10 -12.81
N SER B 9 -8.54 -11.27 -12.23
CA SER B 9 -7.86 -11.31 -10.93
C SER B 9 -6.36 -11.02 -11.07
N SER B 10 -5.79 -11.30 -12.24
CA SER B 10 -4.41 -10.94 -12.53
CA SER B 10 -4.40 -10.99 -12.54
C SER B 10 -4.21 -10.67 -14.01
N VAL B 11 -3.26 -9.79 -14.31
CA VAL B 11 -2.95 -9.43 -15.69
C VAL B 11 -1.47 -9.08 -15.80
N SER B 12 -0.86 -9.45 -16.93
CA SER B 12 0.50 -9.05 -17.24
C SER B 12 0.48 -8.28 -18.56
N GLU B 13 1.17 -7.15 -18.57
CA GLU B 13 1.28 -6.30 -19.77
C GLU B 13 2.69 -5.75 -19.89
N PRO B 14 3.18 -5.53 -21.14
CA PRO B 14 4.51 -4.95 -21.29
C PRO B 14 4.58 -3.47 -20.89
N VAL B 15 5.78 -3.03 -20.53
CA VAL B 15 6.08 -1.61 -20.34
C VAL B 15 5.61 -0.85 -21.58
N GLY B 16 4.92 0.26 -21.36
CA GLY B 16 4.39 1.09 -22.45
C GLY B 16 3.02 0.65 -22.93
N GLY B 17 2.57 -0.51 -22.44
CA GLY B 17 1.29 -1.09 -22.82
C GLY B 17 0.11 -0.50 -22.06
N THR B 18 -1.03 -1.19 -22.16
CA THR B 18 -2.28 -0.73 -21.55
C THR B 18 -2.93 -1.84 -20.73
N VAL B 19 -3.30 -1.50 -19.49
CA VAL B 19 -4.03 -2.42 -18.63
C VAL B 19 -5.48 -1.97 -18.53
N THR B 20 -6.39 -2.92 -18.69
CA THR B 20 -7.83 -2.70 -18.53
C THR B 20 -8.40 -3.58 -17.42
N ILE B 21 -8.99 -2.95 -16.41
CA ILE B 21 -9.58 -3.63 -15.27
C ILE B 21 -11.06 -3.27 -15.19
N LYS B 22 -11.89 -4.26 -14.92
CA LYS B 22 -13.35 -4.10 -14.88
C LYS B 22 -13.90 -4.41 -13.50
N CYS B 23 -14.94 -3.67 -13.13
CA CYS B 23 -15.70 -3.92 -11.90
CA CYS B 23 -15.66 -3.87 -11.89
C CYS B 23 -17.16 -3.82 -12.22
N GLN B 24 -17.90 -4.88 -11.91
CA GLN B 24 -19.35 -4.89 -12.14
C GLN B 24 -20.09 -4.91 -10.80
N ALA B 25 -21.00 -3.95 -10.63
CA ALA B 25 -21.88 -3.93 -9.47
C ALA B 25 -23.14 -4.73 -9.76
N SER B 26 -23.70 -5.35 -8.73
CA SER B 26 -24.89 -6.21 -8.88
C SER B 26 -26.18 -5.41 -9.15
N GLN B 27 -26.16 -4.13 -8.80
CA GLN B 27 -27.24 -3.20 -9.17
C GLN B 27 -26.61 -1.82 -9.40
N SER B 28 -27.33 -0.90 -10.06
CA SER B 28 -26.76 0.40 -10.38
C SER B 28 -26.27 1.10 -9.11
N ILE B 29 -25.06 1.65 -9.17
CA ILE B 29 -24.53 2.41 -8.03
C ILE B 29 -24.27 3.86 -8.43
N SER B 30 -24.79 4.25 -9.59
CA SER B 30 -24.80 5.66 -10.02
C SER B 30 -23.46 6.39 -9.83
N SER B 31 -22.37 5.72 -10.24
CA SER B 31 -20.99 6.27 -10.25
C SER B 31 -20.36 6.52 -8.88
N TRP B 32 -20.98 6.01 -7.82
CA TRP B 32 -20.39 5.99 -6.48
C TRP B 32 -19.39 4.83 -6.40
N LEU B 33 -18.23 5.06 -7.01
CA LEU B 33 -17.20 4.03 -7.12
C LEU B 33 -15.83 4.68 -7.16
N SER B 34 -14.89 4.11 -6.38
CA SER B 34 -13.51 4.55 -6.37
C SER B 34 -12.56 3.44 -6.79
N TRP B 35 -11.38 3.83 -7.27
CA TRP B 35 -10.31 2.89 -7.61
C TRP B 35 -9.08 3.21 -6.77
N TYR B 36 -8.42 2.15 -6.29
CA TYR B 36 -7.19 2.29 -5.50
C TYR B 36 -6.04 1.45 -6.05
N GLN B 37 -4.82 1.94 -5.80
CA GLN B 37 -3.59 1.20 -6.08
C GLN B 37 -3.01 0.80 -4.72
N GLN B 38 -2.56 -0.46 -4.59
CA GLN B 38 -1.90 -0.87 -3.34
C GLN B 38 -0.63 -1.67 -3.65
N LYS B 39 0.50 -1.13 -3.19
CA LYS B 39 1.79 -1.83 -3.29
C LYS B 39 2.05 -2.59 -1.98
N PRO B 40 2.86 -3.66 -2.04
CA PRO B 40 3.05 -4.47 -0.84
C PRO B 40 3.58 -3.66 0.34
N GLY B 41 2.97 -3.83 1.51
CA GLY B 41 3.39 -3.15 2.72
C GLY B 41 2.90 -1.72 2.87
N GLN B 42 2.22 -1.20 1.85
CA GLN B 42 1.76 0.18 1.84
C GLN B 42 0.23 0.26 1.99
N PRO B 43 -0.29 1.43 2.43
CA PRO B 43 -1.74 1.56 2.42
C PRO B 43 -2.28 1.71 1.00
N PRO B 44 -3.58 1.48 0.80
CA PRO B 44 -4.25 1.82 -0.45
C PRO B 44 -4.02 3.28 -0.80
N LYS B 45 -3.83 3.56 -2.09
CA LYS B 45 -3.69 4.92 -2.60
C LYS B 45 -4.85 5.21 -3.53
N LEU B 46 -5.60 6.27 -3.24
CA LEU B 46 -6.72 6.65 -4.12
C LEU B 46 -6.25 7.13 -5.49
N LEU B 47 -6.82 6.56 -6.54
CA LEU B 47 -6.51 6.95 -7.92
C LEU B 47 -7.65 7.77 -8.52
N ILE B 48 -8.85 7.24 -8.36
CA ILE B 48 -10.06 7.76 -9.01
C ILE B 48 -11.21 7.68 -8.00
N TYR B 49 -12.03 8.73 -7.93
CA TYR B 49 -13.26 8.64 -7.15
C TYR B 49 -14.45 9.09 -8.02
N ARG B 50 -15.66 8.72 -7.61
CA ARG B 50 -16.87 9.10 -8.36
C ARG B 50 -16.75 8.63 -9.83
N ALA B 51 -16.18 7.44 -9.97
CA ALA B 51 -16.01 6.73 -11.26
C ALA B 51 -14.97 7.27 -12.23
N SER B 52 -14.82 8.60 -12.31
CA SER B 52 -13.95 9.18 -13.32
C SER B 52 -13.10 10.37 -12.86
N THR B 53 -13.24 10.77 -11.60
CA THR B 53 -12.51 11.94 -11.12
C THR B 53 -11.14 11.57 -10.61
N LEU B 54 -10.11 12.15 -11.22
CA LEU B 54 -8.73 11.83 -10.88
C LEU B 54 -8.34 12.47 -9.54
N ALA B 55 -7.73 11.69 -8.66
CA ALA B 55 -7.26 12.22 -7.38
C ALA B 55 -6.04 13.12 -7.61
N SER B 56 -5.81 14.08 -6.72
CA SER B 56 -4.70 15.01 -6.93
C SER B 56 -3.35 14.28 -6.84
N GLY B 57 -2.44 14.64 -7.74
CA GLY B 57 -1.12 14.01 -7.79
C GLY B 57 -1.07 12.73 -8.59
N ILE B 58 -2.21 12.24 -9.05
CA ILE B 58 -2.28 11.01 -9.84
C ILE B 58 -2.15 11.33 -11.33
N PRO B 59 -1.23 10.65 -12.05
CA PRO B 59 -1.06 10.98 -13.47
C PRO B 59 -2.27 10.62 -14.33
N SER B 60 -2.51 11.43 -15.37
CA SER B 60 -3.66 11.26 -16.26
C SER B 60 -3.65 9.96 -17.09
N ARG B 61 -2.53 9.23 -17.04
CA ARG B 61 -2.43 7.86 -17.59
C ARG B 61 -3.44 6.91 -16.96
N PHE B 62 -3.88 7.24 -15.75
CA PHE B 62 -4.93 6.49 -15.06
C PHE B 62 -6.27 7.13 -15.43
N LYS B 63 -7.17 6.32 -16.01
CA LYS B 63 -8.48 6.80 -16.42
C LYS B 63 -9.59 5.90 -15.89
N GLY B 64 -10.56 6.50 -15.20
CA GLY B 64 -11.74 5.77 -14.79
C GLY B 64 -12.93 6.13 -15.66
N SER B 65 -13.74 5.14 -15.98
CA SER B 65 -14.95 5.36 -16.75
C SER B 65 -16.09 4.44 -16.34
N GLY B 66 -17.28 4.76 -16.80
CA GLY B 66 -18.45 3.94 -16.51
C GLY B 66 -19.58 4.67 -15.82
N SER B 67 -20.65 3.91 -15.56
CA SER B 67 -21.88 4.40 -14.93
C SER B 67 -22.71 3.16 -14.60
N GLY B 68 -23.85 3.35 -13.94
CA GLY B 68 -24.77 2.24 -13.67
C GLY B 68 -24.10 1.09 -12.94
N THR B 69 -23.99 -0.05 -13.60
CA THR B 69 -23.37 -1.23 -13.00
C THR B 69 -21.95 -1.47 -13.51
N GLU B 70 -21.51 -0.71 -14.53
CA GLU B 70 -20.27 -1.05 -15.24
C GLU B 70 -19.14 -0.03 -15.13
N TYR B 71 -18.01 -0.45 -14.55
CA TYR B 71 -16.88 0.46 -14.30
C TYR B 71 -15.57 -0.07 -14.86
N THR B 72 -14.75 0.83 -15.37
CA THR B 72 -13.48 0.46 -16.00
C THR B 72 -12.37 1.36 -15.51
N LEU B 73 -11.24 0.75 -15.15
CA LEU B 73 -10.00 1.47 -14.92
C LEU B 73 -9.06 1.10 -16.05
N THR B 74 -8.55 2.11 -16.75
CA THR B 74 -7.56 1.91 -17.80
C THR B 74 -6.26 2.58 -17.39
N ILE B 75 -5.15 1.84 -17.46
CA ILE B 75 -3.83 2.41 -17.21
C ILE B 75 -3.03 2.39 -18.51
N SER B 76 -2.74 3.57 -19.04
CA SER B 76 -2.03 3.69 -20.33
C SER B 76 -0.55 3.97 -20.10
N ASP B 77 0.27 3.76 -21.14
CA ASP B 77 1.72 3.97 -21.08
CA ASP B 77 1.71 3.98 -21.07
C ASP B 77 2.29 3.35 -19.79
N LEU B 78 2.00 2.07 -19.61
CA LEU B 78 2.34 1.33 -18.39
C LEU B 78 3.83 1.44 -18.00
N GLU B 79 4.07 1.71 -16.71
CA GLU B 79 5.42 1.85 -16.20
C GLU B 79 5.69 0.72 -15.21
N CYS B 80 6.97 0.40 -14.99
CA CYS B 80 7.34 -0.55 -13.93
C CYS B 80 6.81 -0.08 -12.57
N ALA B 81 6.77 1.23 -12.38
CA ALA B 81 6.23 1.83 -11.15
C ALA B 81 4.73 1.55 -10.93
N ASP B 82 4.03 1.07 -11.96
CA ASP B 82 2.60 0.73 -11.86
C ASP B 82 2.34 -0.69 -11.35
N ALA B 83 3.39 -1.50 -11.15
CA ALA B 83 3.24 -2.85 -10.60
C ALA B 83 2.63 -2.75 -9.18
N ALA B 84 1.47 -3.36 -8.99
CA ALA B 84 0.68 -3.20 -7.76
C ALA B 84 -0.56 -4.06 -7.84
N THR B 85 -1.34 -4.11 -6.76
CA THR B 85 -2.69 -4.68 -6.81
C THR B 85 -3.70 -3.52 -6.79
N TYR B 86 -4.71 -3.59 -7.66
CA TYR B 86 -5.70 -2.52 -7.83
C TYR B 86 -7.06 -3.03 -7.36
N TYR B 87 -7.84 -2.15 -6.71
CA TYR B 87 -9.16 -2.50 -6.16
C TYR B 87 -10.18 -1.44 -6.51
N CYS B 88 -11.42 -1.86 -6.81
CA CYS B 88 -12.55 -0.92 -6.82
C CYS B 88 -13.21 -0.94 -5.45
N GLN B 89 -13.90 0.14 -5.09
CA GLN B 89 -14.74 0.16 -3.90
C GLN B 89 -16.05 0.86 -4.25
N CYS B 90 -17.16 0.18 -3.97
CA CYS B 90 -18.47 0.80 -4.02
C CYS B 90 -18.58 1.76 -2.83
N THR B 91 -18.95 3.01 -3.11
CA THR B 91 -19.14 4.01 -2.04
C THR B 91 -20.61 4.42 -1.87
N TYR B 92 -21.51 3.65 -2.50
CA TYR B 92 -22.94 3.94 -2.45
C TYR B 92 -23.58 3.77 -1.07
N GLY B 93 -22.99 2.92 -0.22
CA GLY B 93 -23.50 2.69 1.13
C GLY B 93 -23.51 3.93 2.01
N GLY B 94 -22.69 4.91 1.65
CA GLY B 94 -22.63 6.18 2.38
C GLY B 94 -23.67 7.22 1.95
N VAL B 95 -24.38 6.92 0.87
CA VAL B 95 -25.38 7.84 0.28
C VAL B 95 -26.68 7.71 1.07
N VAL B 96 -27.27 8.84 1.47
CA VAL B 96 -28.50 8.85 2.25
C VAL B 96 -29.55 7.97 1.56
N GLY B 97 -30.20 7.12 2.35
CA GLY B 97 -31.28 6.29 1.85
C GLY B 97 -30.93 5.00 1.11
N SER B 98 -29.65 4.79 0.79
CA SER B 98 -29.27 3.51 0.15
C SER B 98 -29.57 2.37 1.12
N THR B 99 -30.03 1.23 0.59
CA THR B 99 -30.56 0.16 1.45
C THR B 99 -29.47 -0.56 2.22
N SER B 100 -28.34 -0.83 1.55
CA SER B 100 -27.20 -1.50 2.18
C SER B 100 -26.24 -0.46 2.79
N ASP B 101 -25.70 -0.78 3.96
CA ASP B 101 -24.70 0.06 4.63
C ASP B 101 -23.26 -0.36 4.28
N ASP B 102 -23.13 -1.39 3.46
CA ASP B 102 -21.79 -1.87 3.06
C ASP B 102 -21.23 -0.90 2.01
N ASN B 103 -19.91 -0.81 1.96
CA ASN B 103 -19.22 -0.10 0.90
C ASN B 103 -18.15 -1.04 0.37
N PRO B 104 -18.58 -2.08 -0.36
CA PRO B 104 -17.70 -3.23 -0.59
C PRO B 104 -16.60 -3.02 -1.61
N PHE B 105 -15.45 -3.66 -1.35
CA PHE B 105 -14.35 -3.74 -2.30
C PHE B 105 -14.53 -4.90 -3.27
N GLY B 106 -14.08 -4.69 -4.51
CA GLY B 106 -13.87 -5.82 -5.44
C GLY B 106 -12.72 -6.69 -4.96
N GLY B 107 -12.58 -7.87 -5.56
CA GLY B 107 -11.56 -8.84 -5.12
C GLY B 107 -10.11 -8.49 -5.42
N GLY B 108 -9.89 -7.46 -6.24
CA GLY B 108 -8.54 -7.04 -6.59
C GLY B 108 -8.00 -7.61 -7.90
N THR B 109 -7.06 -6.88 -8.49
CA THR B 109 -6.36 -7.30 -9.70
C THR B 109 -4.88 -7.09 -9.50
N GLU B 110 -4.10 -8.18 -9.55
CA GLU B 110 -2.65 -8.09 -9.49
CA GLU B 110 -2.65 -8.08 -9.49
C GLU B 110 -2.11 -7.75 -10.88
N VAL B 111 -1.39 -6.63 -10.98
CA VAL B 111 -0.80 -6.20 -12.26
C VAL B 111 0.71 -6.48 -12.26
N VAL B 112 1.15 -7.32 -13.21
CA VAL B 112 2.56 -7.61 -13.42
C VAL B 112 3.01 -6.83 -14.65
N VAL B 113 4.06 -6.04 -14.52
CA VAL B 113 4.55 -5.26 -15.63
C VAL B 113 5.76 -5.97 -16.25
N LYS B 114 5.67 -6.28 -17.55
CA LYS B 114 6.74 -7.03 -18.22
C LYS B 114 7.81 -6.12 -18.80
N GLY B 115 9.00 -6.15 -18.17
CA GLY B 115 10.18 -5.46 -18.68
C GLY B 115 11.07 -6.43 -19.44
N ASP B 116 12.34 -6.05 -19.63
CA ASP B 116 13.32 -6.92 -20.28
C ASP B 116 13.61 -8.14 -19.40
N PRO B 117 13.72 -9.34 -20.00
CA PRO B 117 14.17 -10.50 -19.24
C PRO B 117 15.63 -10.34 -18.79
N VAL B 118 15.92 -10.81 -17.58
CA VAL B 118 17.27 -10.72 -17.01
C VAL B 118 17.42 -11.99 -16.15
N ALA B 119 18.52 -12.72 -16.33
CA ALA B 119 18.80 -13.88 -15.49
C ALA B 119 19.29 -13.42 -14.12
N PRO B 120 18.92 -14.16 -13.05
CA PRO B 120 19.35 -13.77 -11.71
C PRO B 120 20.85 -13.92 -11.48
N THR B 121 21.38 -13.08 -10.59
CA THR B 121 22.68 -13.32 -9.96
C THR B 121 22.37 -14.00 -8.65
N VAL B 122 23.02 -15.14 -8.37
CA VAL B 122 22.65 -15.96 -7.20
C VAL B 122 23.73 -15.95 -6.13
N LEU B 123 23.31 -15.72 -4.88
CA LEU B 123 24.21 -15.69 -3.74
C LEU B 123 23.80 -16.78 -2.76
N ILE B 124 24.79 -17.41 -2.13
CA ILE B 124 24.47 -18.39 -1.08
C ILE B 124 25.21 -18.00 0.22
N PHE B 125 24.51 -18.13 1.35
CA PHE B 125 25.06 -17.73 2.65
C PHE B 125 25.10 -18.92 3.60
N PRO B 126 26.30 -19.46 3.88
CA PRO B 126 26.43 -20.57 4.80
C PRO B 126 26.10 -20.11 6.21
N PRO B 127 25.63 -21.03 7.07
CA PRO B 127 25.31 -20.64 8.45
C PRO B 127 26.57 -20.31 9.24
N ALA B 128 26.53 -19.22 10.01
CA ALA B 128 27.64 -18.86 10.90
C ALA B 128 27.73 -19.82 12.09
N ALA B 129 28.90 -19.86 12.73
CA ALA B 129 29.13 -20.76 13.87
C ALA B 129 28.12 -20.52 15.00
N ASP B 130 27.70 -19.27 15.17
CA ASP B 130 26.66 -18.98 16.18
C ASP B 130 25.33 -19.67 15.88
N GLN B 131 25.01 -19.86 14.59
CA GLN B 131 23.82 -20.62 14.24
C GLN B 131 23.98 -22.09 14.62
N VAL B 132 25.11 -22.68 14.23
CA VAL B 132 25.32 -24.12 14.46
C VAL B 132 25.18 -24.43 15.95
N ALA B 133 25.67 -23.54 16.81
CA ALA B 133 25.58 -23.75 18.26
C ALA B 133 24.14 -23.76 18.82
N THR B 134 23.18 -23.24 18.07
CA THR B 134 21.78 -23.24 18.54
C THR B 134 21.11 -24.59 18.27
N GLY B 135 21.75 -25.44 17.47
CA GLY B 135 21.19 -26.75 17.15
C GLY B 135 20.38 -26.81 15.87
N THR B 136 20.04 -25.64 15.34
CA THR B 136 19.31 -25.54 14.08
CA THR B 136 19.31 -25.53 14.08
C THR B 136 20.04 -24.57 13.14
N VAL B 137 20.09 -24.91 11.86
CA VAL B 137 20.76 -24.03 10.89
C VAL B 137 19.83 -23.67 9.74
N THR B 138 19.94 -22.42 9.29
CA THR B 138 19.18 -21.98 8.14
C THR B 138 20.16 -21.42 7.13
N ILE B 139 20.19 -22.03 5.95
CA ILE B 139 21.05 -21.63 4.84
C ILE B 139 20.21 -20.70 3.96
N VAL B 140 20.79 -19.60 3.51
CA VAL B 140 20.03 -18.60 2.76
C VAL B 140 20.59 -18.50 1.34
N CYS B 141 19.70 -18.55 0.36
CA CYS B 141 20.05 -18.34 -1.04
C CYS B 141 19.27 -17.12 -1.52
N VAL B 142 19.93 -16.21 -2.24
CA VAL B 142 19.25 -15.01 -2.75
C VAL B 142 19.44 -14.94 -4.25
N ALA B 143 18.32 -14.79 -4.98
CA ALA B 143 18.35 -14.61 -6.43
C ALA B 143 18.06 -13.13 -6.67
N ASN B 144 19.05 -12.41 -7.18
CA ASN B 144 18.96 -10.97 -7.35
C ASN B 144 18.62 -10.51 -8.76
N LYS B 145 17.76 -9.49 -8.82
CA LYS B 145 17.51 -8.71 -10.04
C LYS B 145 17.19 -9.58 -11.26
N TYR B 146 16.00 -10.14 -11.27
CA TYR B 146 15.64 -11.08 -12.32
C TYR B 146 14.21 -10.87 -12.82
N PHE B 147 13.97 -11.32 -14.05
CA PHE B 147 12.63 -11.36 -14.62
C PHE B 147 12.70 -12.26 -15.86
N PRO B 148 11.70 -13.13 -16.07
CA PRO B 148 10.47 -13.40 -15.30
C PRO B 148 10.70 -14.28 -14.07
N ASP B 149 9.62 -14.79 -13.49
CA ASP B 149 9.67 -15.59 -12.26
C ASP B 149 10.59 -16.81 -12.35
N VAL B 150 11.11 -17.21 -11.19
CA VAL B 150 12.00 -18.36 -11.09
C VAL B 150 11.40 -19.44 -10.17
N THR B 151 11.94 -20.65 -10.29
CA THR B 151 11.68 -21.71 -9.32
C THR B 151 13.01 -22.07 -8.65
N VAL B 152 12.96 -22.49 -7.39
CA VAL B 152 14.18 -22.82 -6.66
C VAL B 152 14.17 -24.28 -6.24
N THR B 153 15.31 -24.95 -6.44
CA THR B 153 15.54 -26.32 -5.97
C THR B 153 16.75 -26.32 -5.04
N TRP B 154 16.67 -27.08 -3.94
CA TRP B 154 17.82 -27.26 -3.07
C TRP B 154 18.33 -28.69 -3.15
N GLU B 155 19.65 -28.84 -3.18
CA GLU B 155 20.28 -30.16 -3.13
C GLU B 155 21.32 -30.25 -2.03
N VAL B 156 21.39 -31.41 -1.40
CA VAL B 156 22.38 -31.64 -0.36
C VAL B 156 23.08 -32.94 -0.72
N ASP B 157 24.39 -32.86 -0.95
CA ASP B 157 25.18 -33.97 -1.52
C ASP B 157 24.42 -34.65 -2.66
N GLY B 158 23.82 -33.85 -3.54
CA GLY B 158 23.12 -34.34 -4.72
C GLY B 158 21.65 -34.69 -4.54
N THR B 159 21.18 -34.78 -3.30
CA THR B 159 19.80 -35.17 -3.00
C THR B 159 18.88 -33.95 -2.94
N THR B 160 17.83 -33.95 -3.76
CA THR B 160 16.87 -32.86 -3.81
C THR B 160 16.08 -32.82 -2.50
N GLN B 161 16.01 -31.64 -1.89
CA GLN B 161 15.29 -31.44 -0.63
C GLN B 161 13.82 -31.24 -0.90
N THR B 162 12.96 -31.83 -0.07
CA THR B 162 11.49 -31.73 -0.24
C THR B 162 10.77 -31.05 0.92
N THR B 163 11.49 -30.78 2.00
CA THR B 163 10.93 -30.08 3.16
C THR B 163 11.93 -29.09 3.70
N GLY B 164 11.47 -28.23 4.60
CA GLY B 164 12.33 -27.26 5.27
C GLY B 164 12.68 -26.04 4.44
N ILE B 165 11.96 -25.81 3.34
CA ILE B 165 12.27 -24.70 2.42
C ILE B 165 11.19 -23.60 2.50
N GLU B 166 11.64 -22.34 2.58
CA GLU B 166 10.72 -21.19 2.57
C GLU B 166 11.20 -20.15 1.57
N ASN B 167 10.28 -19.62 0.77
CA ASN B 167 10.62 -18.63 -0.28
C ASN B 167 9.86 -17.33 -0.09
N SER B 168 10.52 -16.22 -0.35
CA SER B 168 9.92 -14.89 -0.26
CA SER B 168 9.86 -14.91 -0.30
C SER B 168 10.43 -13.97 -1.36
N LYS B 169 9.54 -13.18 -1.95
CA LYS B 169 9.90 -12.39 -3.14
C LYS B 169 9.59 -10.91 -2.89
N THR B 170 10.52 -10.03 -3.31
CA THR B 170 10.29 -8.57 -3.24
C THR B 170 9.29 -8.15 -4.33
N PRO B 171 8.71 -6.93 -4.20
CA PRO B 171 7.88 -6.43 -5.29
C PRO B 171 8.74 -6.14 -6.51
N GLN B 172 8.12 -5.99 -7.67
CA GLN B 172 8.85 -5.55 -8.87
C GLN B 172 9.52 -4.19 -8.64
N ASN B 173 10.76 -4.08 -9.10
CA ASN B 173 11.50 -2.82 -8.99
C ASN B 173 10.84 -1.72 -9.82
N SER B 174 10.78 -0.52 -9.26
CA SER B 174 10.08 0.60 -9.90
C SER B 174 10.78 1.11 -11.15
N ALA B 175 12.08 0.82 -11.29
CA ALA B 175 12.86 1.28 -12.44
C ALA B 175 12.98 0.25 -13.56
N ASP B 176 13.17 -1.03 -13.22
CA ASP B 176 13.45 -2.05 -14.23
C ASP B 176 12.59 -3.33 -14.18
N CYS B 177 11.57 -3.33 -13.30
CA CYS B 177 10.56 -4.39 -13.24
C CYS B 177 11.05 -5.71 -12.62
N THR B 178 12.32 -5.75 -12.20
CA THR B 178 12.91 -7.00 -11.70
C THR B 178 12.45 -7.37 -10.28
N TYR B 179 12.47 -8.68 -10.01
CA TYR B 179 12.26 -9.25 -8.66
C TYR B 179 13.59 -9.59 -7.97
N ASN B 180 13.53 -9.76 -6.65
CA ASN B 180 14.57 -10.46 -5.89
C ASN B 180 13.89 -11.53 -5.07
N LEU B 181 14.59 -12.63 -4.81
CA LEU B 181 14.01 -13.73 -4.07
C LEU B 181 14.96 -14.24 -3.00
N SER B 182 14.40 -14.57 -1.83
CA SER B 182 15.14 -15.25 -0.79
CA SER B 182 15.14 -15.25 -0.77
C SER B 182 14.56 -16.65 -0.61
N SER B 183 15.43 -17.65 -0.57
CA SER B 183 14.99 -19.02 -0.33
C SER B 183 15.83 -19.53 0.82
N THR B 184 15.17 -20.10 1.83
CA THR B 184 15.92 -20.66 2.96
C THR B 184 15.70 -22.16 3.08
N LEU B 185 16.74 -22.87 3.51
CA LEU B 185 16.66 -24.30 3.82
C LEU B 185 17.09 -24.47 5.27
N THR B 186 16.21 -25.10 6.05
CA THR B 186 16.45 -25.30 7.48
C THR B 186 16.67 -26.79 7.80
N LEU B 187 17.74 -27.06 8.54
CA LEU B 187 18.16 -28.41 8.95
C LEU B 187 18.61 -28.40 10.40
N THR B 188 18.65 -29.59 11.02
CA THR B 188 19.26 -29.69 12.35
C THR B 188 20.78 -29.56 12.20
N SER B 189 21.45 -29.14 13.28
CA SER B 189 22.92 -29.07 13.25
C SER B 189 23.53 -30.45 12.98
N THR B 190 22.94 -31.51 13.53
CA THR B 190 23.42 -32.88 13.28
C THR B 190 23.36 -33.23 11.78
N GLN B 191 22.23 -32.90 11.15
CA GLN B 191 22.06 -33.09 9.71
C GLN B 191 23.04 -32.24 8.91
N TYR B 192 23.17 -30.96 9.27
CA TYR B 192 24.09 -30.04 8.59
C TYR B 192 25.52 -30.59 8.60
N ASN B 193 25.96 -31.06 9.77
CA ASN B 193 27.31 -31.55 9.97
C ASN B 193 27.58 -32.90 9.32
N SER B 194 26.53 -33.58 8.88
CA SER B 194 26.66 -34.91 8.28
C SER B 194 26.77 -34.88 6.75
N HIS B 195 26.67 -33.68 6.16
CA HIS B 195 26.73 -33.54 4.70
C HIS B 195 27.75 -32.48 4.31
N LYS B 196 28.16 -32.48 3.04
CA LYS B 196 29.24 -31.60 2.60
C LYS B 196 28.79 -30.49 1.64
N GLU B 197 28.13 -30.87 0.55
CA GLU B 197 27.82 -29.91 -0.51
CA GLU B 197 27.81 -29.93 -0.53
C GLU B 197 26.37 -29.42 -0.46
N TYR B 198 26.22 -28.11 -0.39
CA TYR B 198 24.91 -27.44 -0.33
C TYR B 198 24.72 -26.59 -1.58
N THR B 199 23.61 -26.83 -2.27
CA THR B 199 23.39 -26.26 -3.58
C THR B 199 21.99 -25.64 -3.72
N CYS B 200 21.96 -24.39 -4.19
CA CYS B 200 20.73 -23.70 -4.56
CA CYS B 200 20.68 -23.80 -4.58
C CYS B 200 20.68 -23.55 -6.08
N LYS B 201 19.66 -24.11 -6.72
CA LYS B 201 19.53 -24.03 -8.17
C LYS B 201 18.30 -23.19 -8.48
N VAL B 202 18.50 -22.09 -9.21
CA VAL B 202 17.44 -21.16 -9.54
C VAL B 202 17.12 -21.30 -11.03
N THR B 203 15.89 -21.73 -11.35
CA THR B 203 15.52 -22.02 -12.74
C THR B 203 14.53 -21.00 -13.30
N GLN B 204 14.83 -20.53 -14.51
CA GLN B 204 14.03 -19.52 -15.18
C GLN B 204 13.80 -20.00 -16.61
N GLY B 205 12.72 -20.74 -16.82
CA GLY B 205 12.47 -21.38 -18.12
C GLY B 205 13.64 -22.28 -18.54
N THR B 206 14.27 -21.96 -19.66
CA THR B 206 15.39 -22.77 -20.17
C THR B 206 16.75 -22.38 -19.59
N THR B 207 16.76 -21.42 -18.66
CA THR B 207 17.99 -20.94 -18.01
C THR B 207 18.03 -21.44 -16.55
N SER B 208 19.20 -21.89 -16.08
CA SER B 208 19.39 -22.14 -14.65
C SER B 208 20.68 -21.50 -14.15
N VAL B 209 20.64 -21.03 -12.91
CA VAL B 209 21.82 -20.46 -12.29
C VAL B 209 21.97 -21.19 -10.97
N VAL B 210 23.15 -21.75 -10.75
CA VAL B 210 23.41 -22.67 -9.64
C VAL B 210 24.52 -22.10 -8.76
N GLN B 211 24.30 -22.12 -7.45
CA GLN B 211 25.33 -21.67 -6.51
C GLN B 211 25.48 -22.69 -5.41
N SER B 212 26.72 -22.99 -5.05
CA SER B 212 27.02 -24.03 -4.08
C SER B 212 28.08 -23.59 -3.08
N PHE B 213 28.17 -24.33 -1.98
CA PHE B 213 29.34 -24.25 -1.10
C PHE B 213 29.57 -25.60 -0.47
N ASN B 214 30.80 -25.80 -0.01
CA ASN B 214 31.14 -27.00 0.73
CA ASN B 214 31.17 -27.00 0.72
C ASN B 214 31.37 -26.63 2.19
N ARG B 215 30.65 -27.31 3.08
CA ARG B 215 30.64 -27.00 4.51
C ARG B 215 32.05 -26.83 5.13
N GLY B 216 32.97 -27.70 4.74
CA GLY B 216 34.35 -27.62 5.22
C GLY B 216 35.14 -26.38 4.79
N ASP B 217 34.70 -25.73 3.71
CA ASP B 217 35.40 -24.57 3.15
C ASP B 217 34.94 -23.22 3.71
N CYS B 218 33.91 -23.24 4.55
CA CYS B 218 33.35 -22.00 5.09
C CYS B 218 33.34 -22.00 6.61
N CYS C 4 -1.10 38.31 -24.97
CA CYS C 4 -1.42 37.08 -24.19
C CYS C 4 -2.55 37.33 -23.18
N ASP C 5 -3.78 37.17 -23.66
CA ASP C 5 -4.97 37.42 -22.85
C ASP C 5 -5.17 36.40 -21.75
N VAL C 6 -5.64 36.86 -20.59
CA VAL C 6 -6.00 35.97 -19.48
C VAL C 6 -7.23 35.16 -19.85
N GLN C 7 -7.15 33.85 -19.67
CA GLN C 7 -8.28 32.96 -19.91
C GLN C 7 -8.50 32.02 -18.72
N LEU C 8 -9.77 31.74 -18.42
CA LEU C 8 -10.17 30.86 -17.32
C LEU C 8 -11.09 29.78 -17.86
N TYR C 9 -10.61 28.54 -17.93
CA TYR C 9 -11.40 27.48 -18.57
C TYR C 9 -12.11 26.52 -17.62
N ILE C 10 -13.43 26.49 -17.72
CA ILE C 10 -14.25 25.41 -17.14
C ILE C 10 -15.19 24.95 -18.27
N LYS C 11 -15.20 23.65 -18.58
CA LYS C 11 -16.06 23.11 -19.64
C LYS C 11 -17.54 23.37 -19.33
N ARG C 12 -18.33 23.69 -20.34
CA ARG C 12 -19.77 23.88 -20.15
C ARG C 12 -20.40 22.64 -19.52
N GLN C 13 -21.35 22.87 -18.61
CA GLN C 13 -22.07 21.80 -17.90
C GLN C 13 -21.19 20.97 -16.97
N SER C 14 -20.04 21.51 -16.58
CA SER C 14 -19.16 20.88 -15.60
CA SER C 14 -19.17 20.85 -15.62
C SER C 14 -19.93 20.56 -14.32
N GLU C 15 -19.74 19.36 -13.78
CA GLU C 15 -20.47 18.99 -12.57
C GLU C 15 -19.74 17.93 -11.78
N HIS C 16 -19.96 17.97 -10.46
CA HIS C 16 -19.45 16.95 -9.54
CA HIS C 16 -19.47 16.93 -9.55
C HIS C 16 -20.53 16.60 -8.53
N HIS C 17 -20.61 15.31 -8.13
CA HIS C 17 -21.43 14.89 -7.00
C HIS C 17 -20.48 14.42 -5.92
N ILE C 18 -20.68 14.89 -4.69
CA ILE C 18 -19.77 14.53 -3.60
C ILE C 18 -20.58 14.28 -2.34
N LEU C 19 -20.13 13.36 -1.51
CA LEU C 19 -20.81 13.11 -0.25
C LEU C 19 -20.45 14.17 0.80
N ALA C 20 -21.47 14.73 1.45
CA ALA C 20 -21.25 15.65 2.58
C ALA C 20 -20.35 14.95 3.60
N GLY C 21 -19.39 15.69 4.13
CA GLY C 21 -18.42 15.14 5.09
C GLY C 21 -17.10 14.70 4.50
N ASP C 22 -17.01 14.71 3.17
CA ASP C 22 -15.76 14.34 2.49
C ASP C 22 -14.95 15.57 2.10
N PRO C 23 -13.61 15.43 2.00
CA PRO C 23 -12.80 16.51 1.47
C PRO C 23 -13.09 16.68 -0.03
N PHE C 24 -12.97 17.90 -0.51
CA PHE C 24 -13.18 18.17 -1.93
C PHE C 24 -12.52 19.48 -2.34
N GLU C 25 -12.15 19.59 -3.61
CA GLU C 25 -11.68 20.87 -4.15
C GLU C 25 -12.21 21.08 -5.55
N LEU C 26 -12.41 22.34 -5.92
CA LEU C 26 -12.70 22.73 -7.30
C LEU C 26 -11.47 23.43 -7.85
N GLU C 27 -11.18 23.22 -9.13
CA GLU C 27 -9.99 23.78 -9.75
C GLU C 27 -10.35 24.55 -11.00
N CYS C 28 -9.66 25.66 -11.23
CA CYS C 28 -9.72 26.25 -12.57
C CYS C 28 -8.37 26.66 -13.14
N PRO C 29 -8.08 26.16 -14.35
CA PRO C 29 -6.85 26.49 -15.07
C PRO C 29 -6.89 27.94 -15.49
N VAL C 30 -5.79 28.64 -15.22
CA VAL C 30 -5.65 30.06 -15.54
C VAL C 30 -4.52 30.20 -16.56
N LYS C 31 -4.84 30.78 -17.71
CA LYS C 31 -3.83 31.08 -18.73
C LYS C 31 -3.42 32.56 -18.61
N TYR C 32 -2.12 32.80 -18.46
CA TYR C 32 -1.57 34.14 -18.35
C TYR C 32 -0.09 34.14 -18.77
N CYS C 33 0.46 35.32 -19.05
CA CYS C 33 1.87 35.40 -19.44
C CYS C 33 2.74 36.41 -18.69
N ALA C 34 2.11 37.42 -18.09
CA ALA C 34 2.84 38.47 -17.37
C ALA C 34 2.80 38.10 -15.89
N ASN C 35 2.36 39.04 -15.06
CA ASN C 35 2.12 38.75 -13.64
C ASN C 35 0.87 37.89 -13.51
N ARG C 36 0.86 36.99 -12.53
CA ARG C 36 -0.32 36.18 -12.24
C ARG C 36 -1.48 37.10 -11.86
N PRO C 37 -2.63 36.94 -12.55
CA PRO C 37 -3.79 37.80 -12.23
C PRO C 37 -4.40 37.45 -10.88
N HIS C 38 -5.15 38.38 -10.31
CA HIS C 38 -5.83 38.15 -9.04
C HIS C 38 -7.16 37.45 -9.35
N VAL C 39 -7.17 36.14 -9.18
CA VAL C 39 -8.36 35.32 -9.45
C VAL C 39 -9.16 35.12 -8.16
N THR C 40 -10.49 35.11 -8.27
CA THR C 40 -11.36 34.78 -7.14
C THR C 40 -12.39 33.72 -7.57
N TRP C 41 -12.95 33.01 -6.59
CA TRP C 41 -14.11 32.15 -6.84
C TRP C 41 -15.37 32.88 -6.41
N CYS C 42 -16.45 32.66 -7.15
CA CYS C 42 -17.74 33.17 -6.75
C CYS C 42 -18.78 32.05 -6.82
N LYS C 43 -19.86 32.23 -6.08
CA LYS C 43 -20.96 31.27 -6.07
C LYS C 43 -22.24 31.94 -6.54
N LEU C 44 -22.96 31.30 -7.45
CA LEU C 44 -24.22 31.86 -7.97
C LEU C 44 -25.32 31.93 -6.93
N ASN C 45 -25.97 33.09 -6.89
CA ASN C 45 -27.21 33.27 -6.14
C ASN C 45 -28.16 33.91 -7.15
N GLY C 46 -29.08 33.10 -7.70
CA GLY C 46 -29.90 33.53 -8.83
C GLY C 46 -28.99 33.80 -10.02
N THR C 47 -29.03 35.03 -10.53
CA THR C 47 -28.22 35.42 -11.69
C THR C 47 -26.88 36.10 -11.30
N THR C 48 -26.66 36.30 -10.01
CA THR C 48 -25.49 37.03 -9.52
C THR C 48 -24.41 36.08 -9.02
N CYS C 49 -23.18 36.24 -9.50
CA CYS C 49 -22.05 35.43 -8.99
C CYS C 49 -21.39 36.19 -7.84
N VAL C 50 -21.65 35.74 -6.61
CA VAL C 50 -21.23 36.43 -5.39
C VAL C 50 -19.83 35.99 -4.96
N LYS C 51 -18.90 36.95 -4.91
CA LYS C 51 -17.51 36.68 -4.53
C LYS C 51 -17.45 35.92 -3.18
N LEU C 52 -16.65 34.85 -3.12
CA LEU C 52 -16.45 34.11 -1.89
C LEU C 52 -15.15 34.59 -1.26
N GLU C 53 -15.16 34.83 0.04
CA GLU C 53 -13.98 35.36 0.74
C GLU C 53 -13.63 34.57 1.98
N ASP C 54 -14.51 33.67 2.39
CA ASP C 54 -14.35 32.92 3.65
C ASP C 54 -13.79 31.52 3.47
N ARG C 55 -13.58 31.12 2.22
CA ARG C 55 -13.17 29.76 1.90
C ARG C 55 -11.73 29.73 1.38
N GLN C 56 -10.95 28.75 1.85
CA GLN C 56 -9.55 28.68 1.53
C GLN C 56 -9.34 28.52 0.02
N THR C 57 -8.45 29.35 -0.52
CA THR C 57 -8.00 29.18 -1.90
C THR C 57 -6.49 29.04 -1.93
N SER C 58 -6.00 28.34 -2.96
CA SER C 58 -4.57 28.15 -3.19
C SER C 58 -4.26 28.05 -4.68
N TRP C 59 -2.97 28.13 -5.00
CA TRP C 59 -2.49 27.98 -6.35
C TRP C 59 -1.62 26.74 -6.45
N LYS C 60 -1.73 26.04 -7.58
CA LYS C 60 -0.87 24.90 -7.87
C LYS C 60 -0.38 24.93 -9.32
N GLU C 61 0.83 24.45 -9.53
CA GLU C 61 1.42 24.28 -10.85
C GLU C 61 1.45 22.80 -11.23
N GLU C 62 0.92 22.48 -12.41
CA GLU C 62 0.89 21.09 -12.89
C GLU C 62 1.02 21.01 -14.41
N LYS C 63 2.12 20.43 -14.87
CA LYS C 63 2.44 20.27 -16.31
C LYS C 63 2.40 21.61 -17.07
N ASN C 64 3.07 22.62 -16.50
CA ASN C 64 3.12 23.98 -17.04
C ASN C 64 1.76 24.71 -17.11
N ILE C 65 0.79 24.24 -16.32
CA ILE C 65 -0.52 24.90 -16.19
C ILE C 65 -0.74 25.34 -14.75
N SER C 66 -1.17 26.58 -14.57
CA SER C 66 -1.52 27.10 -13.24
C SER C 66 -2.99 26.85 -12.93
N PHE C 67 -3.27 26.38 -11.72
CA PHE C 67 -4.64 26.10 -11.26
C PHE C 67 -4.93 26.92 -10.02
N PHE C 68 -6.08 27.57 -10.01
CA PHE C 68 -6.56 28.26 -8.81
C PHE C 68 -7.59 27.36 -8.17
N ILE C 69 -7.45 27.12 -6.86
CA ILE C 69 -8.16 26.00 -6.21
C ILE C 69 -9.03 26.49 -5.07
N LEU C 70 -10.25 25.98 -5.00
CA LEU C 70 -11.19 26.27 -3.90
C LEU C 70 -11.32 25.01 -3.04
N HIS C 71 -11.09 25.14 -1.74
CA HIS C 71 -11.01 23.99 -0.84
C HIS C 71 -12.24 23.83 0.05
N PHE C 72 -12.72 22.59 0.17
CA PHE C 72 -13.86 22.27 1.05
C PHE C 72 -13.39 21.23 2.08
N GLU C 73 -13.44 21.60 3.35
CA GLU C 73 -12.73 20.85 4.39
C GLU C 73 -13.59 20.56 5.62
N PRO C 74 -14.62 19.71 5.51
CA PRO C 74 -15.10 19.00 4.33
C PRO C 74 -16.19 19.77 3.60
N VAL C 75 -16.62 19.23 2.47
CA VAL C 75 -17.87 19.71 1.87
C VAL C 75 -19.06 19.45 2.83
N LEU C 76 -20.00 20.40 2.87
CA LEU C 76 -21.19 20.31 3.70
C LEU C 76 -22.40 20.63 2.83
N PRO C 77 -23.63 20.25 3.27
CA PRO C 77 -24.82 20.42 2.43
C PRO C 77 -25.01 21.84 1.90
N ASN C 78 -24.71 22.84 2.70
CA ASN C 78 -24.85 24.23 2.24
C ASN C 78 -23.93 24.62 1.09
N ASP C 79 -22.86 23.84 0.86
CA ASP C 79 -21.92 24.11 -0.24
C ASP C 79 -22.50 23.77 -1.61
N ASN C 80 -23.63 23.06 -1.60
CA ASN C 80 -24.34 22.78 -2.84
C ASN C 80 -24.57 24.06 -3.64
N GLY C 81 -24.30 24.00 -4.95
CA GLY C 81 -24.57 25.13 -5.84
C GLY C 81 -23.62 25.26 -7.02
N SER C 82 -23.69 26.40 -7.72
CA SER C 82 -22.84 26.62 -8.89
C SER C 82 -21.76 27.67 -8.62
N TYR C 83 -20.57 27.41 -9.13
CA TYR C 83 -19.39 28.22 -8.85
C TYR C 83 -18.68 28.61 -10.15
N ARG C 84 -18.01 29.77 -10.12
CA ARG C 84 -17.13 30.19 -11.20
C ARG C 84 -15.86 30.82 -10.66
N CYS C 85 -14.81 30.81 -11.47
CA CYS C 85 -13.61 31.61 -11.25
CA CYS C 85 -13.69 31.67 -11.15
C CYS C 85 -13.72 32.91 -12.01
N SER C 86 -13.12 33.97 -11.48
CA SER C 86 -13.23 35.29 -12.09
CA SER C 86 -13.26 35.31 -12.04
C SER C 86 -11.98 36.12 -11.90
N ALA C 87 -11.71 37.01 -12.86
CA ALA C 87 -10.57 37.92 -12.79
C ALA C 87 -10.92 39.15 -13.61
N ASN C 88 -10.37 40.31 -13.21
CA ASN C 88 -10.47 41.53 -14.01
C ASN C 88 -9.16 41.78 -14.75
N PHE C 89 -9.21 41.68 -16.07
CA PHE C 89 -8.03 41.84 -16.91
C PHE C 89 -8.25 43.02 -17.86
N GLN C 90 -7.53 44.11 -17.60
CA GLN C 90 -7.59 45.32 -18.43
C GLN C 90 -9.02 45.83 -18.66
N SER C 91 -9.72 46.09 -17.56
CA SER C 91 -11.09 46.64 -17.55
C SER C 91 -12.15 45.68 -18.14
N ASN C 92 -11.83 44.39 -18.19
CA ASN C 92 -12.79 43.38 -18.65
C ASN C 92 -12.96 42.28 -17.62
N LEU C 93 -14.21 42.02 -17.25
CA LEU C 93 -14.53 40.92 -16.33
C LEU C 93 -14.53 39.60 -17.06
N ILE C 94 -13.61 38.72 -16.67
CA ILE C 94 -13.47 37.43 -17.32
C ILE C 94 -13.90 36.38 -16.30
N GLU C 95 -14.97 35.64 -16.62
CA GLU C 95 -15.45 34.56 -15.73
C GLU C 95 -15.53 33.26 -16.50
N SER C 96 -15.23 32.16 -15.82
CA SER C 96 -15.39 30.84 -16.39
C SER C 96 -16.86 30.48 -16.49
N HIS C 97 -17.15 29.43 -17.26
CA HIS C 97 -18.45 28.80 -17.21
CA HIS C 97 -18.45 28.81 -17.21
C HIS C 97 -18.68 28.28 -15.79
N SER C 98 -19.93 28.08 -15.41
CA SER C 98 -20.28 27.54 -14.09
C SER C 98 -19.92 26.07 -13.99
N THR C 99 -19.40 25.68 -12.81
CA THR C 99 -19.31 24.28 -12.45
C THR C 99 -20.30 24.06 -11.31
N THR C 100 -21.03 22.96 -11.36
CA THR C 100 -22.04 22.72 -10.32
C THR C 100 -21.60 21.61 -9.37
N LEU C 101 -21.64 21.94 -8.09
CA LEU C 101 -21.33 20.98 -7.04
C LEU C 101 -22.63 20.50 -6.42
N TYR C 102 -22.99 19.25 -6.70
CA TYR C 102 -24.16 18.62 -6.10
C TYR C 102 -23.71 17.87 -4.86
N VAL C 103 -24.14 18.34 -3.70
CA VAL C 103 -23.75 17.68 -2.44
C VAL C 103 -24.83 16.68 -2.06
N THR C 104 -24.43 15.41 -1.94
CA THR C 104 -25.35 14.35 -1.56
C THR C 104 -25.25 14.18 -0.05
N ASP C 105 -26.39 14.16 0.62
CA ASP C 105 -26.39 13.97 2.07
C ASP C 105 -25.88 12.59 2.44
N VAL C 106 -25.19 12.52 3.58
CA VAL C 106 -24.61 11.27 4.06
C VAL C 106 -25.66 10.42 4.78
N LYS C 107 -25.48 9.10 4.72
CA LYS C 107 -26.26 8.15 5.53
C LYS C 107 -26.33 8.68 6.96
N SER C 108 -27.55 8.77 7.49
CA SER C 108 -27.76 9.29 8.82
C SER C 108 -28.95 8.59 9.53
N ALA C 109 -29.39 7.46 8.99
CA ALA C 109 -30.46 6.63 9.58
C ALA C 109 -30.29 6.41 11.09
#